data_6N1M
#
_entry.id   6N1M
#
_cell.length_a   58.230
_cell.length_b   122.080
_cell.length_c   128.690
_cell.angle_alpha   90.000
_cell.angle_beta   90.000
_cell.angle_gamma   90.000
#
_symmetry.space_group_name_H-M   'I 2 2 2'
#
loop_
_entity.id
_entity.type
_entity.pdbx_description
1 polymer 'Fumarate hydratase class II'
2 non-polymer 'SULFATE ION'
3 non-polymer 1,2-ETHANEDIOL
4 water water
#
_entity_poly.entity_id   1
_entity_poly.type   'polypeptide(L)'
_entity_poly.pdbx_seq_one_letter_code
;MAHHHHHHMAKTRVETDSMGEIEVPSDKYWGAQTERSLHHFNIGKDIMPREVTHAFGILKKAAALTNLELGKLPKDKADL
IVQAAEEVSKGLLDEHFPLHVWQTGSGTQSNMNANEVISNRAIELAGGTLGSKSPIHPNDHVNMSQSSNDTFPTAMHIAA
AIAFNEKLLPAVRNLRHVFAAKMDAFKNIIKIGRTHLQDAVPLTLGQEFSGYVAQLDACVHRLEEVLPELYELAAGGTAV
GTGLNTHPQFAVKVAEHIAKITKLPFVTAPNKFAALASHEPLVHAHGAMKTLACALMKIANDIRWLASGPRCGIGELIIP
ENEPGSSIMPGKVNPTQCEAMTMVCAQVLGNDTAVGIADSQGNFELNVFKPVIIFNVLHSLNLLADSCHSFQEFCAEGIE
PNQPVIDYYLHHSLMLVTALNQHIGYDKAAKIAKTAHHDNISLQEAAVKLGILTAEQFAEFVKPEKMISPEQ
;
_entity_poly.pdbx_strand_id   A
#
# COMPACT_ATOMS: atom_id res chain seq x y z
N HIS A 6 21.07 33.76 -2.58
CA HIS A 6 19.98 33.07 -3.26
C HIS A 6 19.41 33.89 -4.41
N HIS A 7 18.95 33.20 -5.45
CA HIS A 7 18.52 33.86 -6.67
C HIS A 7 17.52 32.98 -7.40
N HIS A 8 16.77 33.62 -8.30
CA HIS A 8 15.79 32.95 -9.14
C HIS A 8 15.82 33.58 -10.52
N MET A 9 15.98 32.77 -11.56
CA MET A 9 15.90 33.28 -12.92
C MET A 9 14.55 33.96 -13.15
N ALA A 10 13.48 33.33 -12.70
CA ALA A 10 12.13 33.87 -12.86
C ALA A 10 11.93 35.11 -11.98
N LYS A 11 10.96 35.93 -12.37
CA LYS A 11 10.60 37.09 -11.56
C LYS A 11 10.20 36.62 -10.17
N THR A 12 10.50 37.47 -9.18
CA THR A 12 10.20 37.17 -7.78
C THR A 12 9.38 38.29 -7.17
N ARG A 13 8.73 37.97 -6.05
CA ARG A 13 8.15 39.00 -5.20
C ARG A 13 8.82 38.90 -3.84
N VAL A 14 8.74 40.00 -3.08
CA VAL A 14 9.29 40.02 -1.74
C VAL A 14 8.25 39.49 -0.74
N GLU A 15 8.68 38.56 0.10
CA GLU A 15 7.87 38.11 1.22
C GLU A 15 8.66 38.38 2.50
N THR A 16 7.98 38.32 3.64
CA THR A 16 8.63 38.60 4.92
C THR A 16 8.25 37.56 5.96
N ASP A 17 9.20 37.27 6.83
CA ASP A 17 8.95 36.55 8.07
C ASP A 17 9.77 37.24 9.15
N SER A 18 9.86 36.63 10.34
CA SER A 18 10.53 37.32 11.43
C SER A 18 12.05 37.42 11.21
N MET A 19 12.61 36.72 10.22
CA MET A 19 14.02 36.86 9.89
C MET A 19 14.28 37.90 8.81
N GLY A 20 13.24 38.48 8.22
CA GLY A 20 13.39 39.60 7.30
C GLY A 20 12.74 39.29 5.95
N GLU A 21 13.29 39.92 4.91
CA GLU A 21 12.79 39.78 3.55
C GLU A 21 13.41 38.57 2.87
N ILE A 22 12.63 37.96 1.97
CA ILE A 22 13.16 36.89 1.15
C ILE A 22 12.40 36.87 -0.17
N GLU A 23 13.12 36.63 -1.26
CA GLU A 23 12.49 36.62 -2.57
CA GLU A 23 12.55 36.60 -2.61
C GLU A 23 11.88 35.26 -2.87
N VAL A 24 10.66 35.30 -3.40
CA VAL A 24 9.86 34.10 -3.68
C VAL A 24 9.45 34.15 -5.15
N PRO A 25 9.54 33.06 -5.91
CA PRO A 25 9.15 33.12 -7.33
C PRO A 25 7.72 33.63 -7.48
N SER A 26 7.53 34.57 -8.42
CA SER A 26 6.24 35.24 -8.57
C SER A 26 5.15 34.28 -8.97
N ASP A 27 5.48 33.22 -9.69
CA ASP A 27 4.46 32.30 -10.15
C ASP A 27 4.19 31.17 -9.16
N LYS A 28 4.72 31.26 -7.95
CA LYS A 28 4.46 30.26 -6.92
C LYS A 28 3.65 30.88 -5.79
N TYR A 29 2.82 30.07 -5.15
CA TYR A 29 1.96 30.57 -4.08
C TYR A 29 2.57 30.43 -2.70
N TRP A 30 3.69 29.74 -2.52
CA TRP A 30 4.21 29.64 -1.16
C TRP A 30 4.77 30.99 -0.72
N GLY A 31 5.20 31.05 0.53
CA GLY A 31 5.57 32.31 1.12
C GLY A 31 6.97 32.29 1.70
N ALA A 32 7.24 33.25 2.57
CA ALA A 32 8.60 33.46 3.06
C ALA A 32 9.15 32.23 3.76
N GLN A 33 8.35 31.60 4.61
CA GLN A 33 8.91 30.53 5.45
C GLN A 33 9.15 29.28 4.64
N THR A 34 8.28 28.99 3.68
CA THR A 34 8.53 27.86 2.81
C THR A 34 9.79 28.06 1.98
N GLU A 35 9.94 29.24 1.38
CA GLU A 35 11.14 29.53 0.60
C GLU A 35 12.39 29.43 1.48
N ARG A 36 12.34 30.05 2.65
CA ARG A 36 13.51 30.07 3.50
C ARG A 36 13.88 28.66 3.94
N SER A 37 12.88 27.82 4.20
CA SER A 37 13.14 26.47 4.66
C SER A 37 13.70 25.59 3.55
N LEU A 38 13.28 25.82 2.30
CA LEU A 38 13.85 25.10 1.18
CA LEU A 38 13.86 25.12 1.17
C LEU A 38 15.37 25.22 1.17
N HIS A 39 15.90 26.37 1.62
CA HIS A 39 17.34 26.62 1.66
C HIS A 39 18.05 25.81 2.73
N HIS A 40 17.33 25.33 3.74
CA HIS A 40 17.97 24.64 4.85
C HIS A 40 17.71 23.14 4.88
N PHE A 41 16.77 22.62 4.12
CA PHE A 41 16.40 21.22 4.19
C PHE A 41 16.33 20.60 2.80
N ASN A 42 17.37 20.88 2.01
CA ASN A 42 17.48 20.33 0.66
C ASN A 42 18.23 19.00 0.77
N ILE A 43 17.55 18.04 1.37
CA ILE A 43 18.12 16.73 1.65
C ILE A 43 17.39 15.71 0.79
N GLY A 44 18.15 14.93 0.02
CA GLY A 44 17.52 13.93 -0.83
C GLY A 44 16.70 14.58 -1.92
N LYS A 45 15.89 13.73 -2.57
CA LYS A 45 14.98 14.15 -3.64
C LYS A 45 13.51 14.05 -3.24
N ASP A 46 13.23 13.55 -2.03
CA ASP A 46 11.88 13.11 -1.68
C ASP A 46 11.03 14.31 -1.29
N ILE A 47 10.09 14.66 -2.15
CA ILE A 47 9.14 15.72 -1.84
CA ILE A 47 9.13 15.71 -1.85
C ILE A 47 8.04 15.14 -0.97
N MET A 48 7.54 15.94 -0.01
CA MET A 48 6.47 15.44 0.85
C MET A 48 5.35 14.83 -0.01
N PRO A 49 4.85 13.64 0.34
CA PRO A 49 3.87 12.98 -0.54
C PRO A 49 2.62 13.84 -0.76
N ARG A 50 2.15 13.83 -2.01
CA ARG A 50 1.02 14.71 -2.33
C ARG A 50 -0.25 14.34 -1.56
N GLU A 51 -0.39 13.10 -1.10
CA GLU A 51 -1.55 12.79 -0.27
C GLU A 51 -1.57 13.62 1.01
N VAL A 52 -0.38 13.91 1.56
CA VAL A 52 -0.28 14.76 2.74
C VAL A 52 -0.68 16.19 2.39
N THR A 53 -0.18 16.69 1.26
CA THR A 53 -0.61 18.00 0.77
C THR A 53 -2.13 18.08 0.64
N HIS A 54 -2.73 17.08 -0.02
CA HIS A 54 -4.18 17.13 -0.20
C HIS A 54 -4.91 17.09 1.14
N ALA A 55 -4.42 16.27 2.07
CA ALA A 55 -5.02 16.21 3.40
C ALA A 55 -4.91 17.54 4.14
N PHE A 56 -3.80 18.27 3.95
CA PHE A 56 -3.72 19.64 4.49
C PHE A 56 -4.83 20.51 3.92
N GLY A 57 -5.16 20.35 2.64
CA GLY A 57 -6.28 21.08 2.07
C GLY A 57 -7.57 20.78 2.80
N ILE A 58 -7.81 19.50 3.08
CA ILE A 58 -9.02 19.10 3.79
C ILE A 58 -9.04 19.72 5.18
N LEU A 59 -7.92 19.62 5.90
CA LEU A 59 -7.84 20.15 7.26
C LEU A 59 -8.11 21.65 7.27
N LYS A 60 -7.48 22.38 6.35
CA LYS A 60 -7.62 23.83 6.38
C LYS A 60 -9.02 24.29 5.99
N LYS A 61 -9.66 23.57 5.06
CA LYS A 61 -11.07 23.85 4.77
C LYS A 61 -11.93 23.60 6.01
N ALA A 62 -11.76 22.44 6.63
CA ALA A 62 -12.53 22.12 7.83
C ALA A 62 -12.28 23.13 8.93
N ALA A 63 -11.02 23.55 9.10
CA ALA A 63 -10.71 24.55 10.14
C ALA A 63 -11.42 25.87 9.87
N ALA A 64 -11.41 26.33 8.60
CA ALA A 64 -12.10 27.57 8.27
C ALA A 64 -13.59 27.48 8.54
N LEU A 65 -14.21 26.36 8.17
CA LEU A 65 -15.64 26.21 8.41
C LEU A 65 -15.94 26.18 9.91
N THR A 66 -15.07 25.52 10.67
CA THR A 66 -15.23 25.47 12.13
C THR A 66 -15.09 26.86 12.74
N ASN A 67 -14.03 27.58 12.35
CA ASN A 67 -13.79 28.90 12.91
C ASN A 67 -14.89 29.88 12.52
N LEU A 68 -15.47 29.71 11.33
CA LEU A 68 -16.63 30.50 10.93
C LEU A 68 -17.82 30.20 11.84
N GLU A 69 -18.09 28.92 12.09
CA GLU A 69 -19.22 28.52 12.92
C GLU A 69 -19.05 28.99 14.36
N LEU A 70 -17.81 29.05 14.85
CA LEU A 70 -17.51 29.49 16.20
C LEU A 70 -17.49 31.00 16.34
N GLY A 71 -17.70 31.73 15.24
CA GLY A 71 -17.72 33.19 15.27
C GLY A 71 -16.36 33.85 15.26
N LYS A 72 -15.30 33.07 15.06
CA LYS A 72 -13.94 33.61 15.11
C LYS A 72 -13.48 34.12 13.77
N LEU A 73 -13.98 33.57 12.67
CA LEU A 73 -13.45 33.89 11.35
C LEU A 73 -14.55 34.54 10.54
N PRO A 74 -14.35 35.74 10.01
CA PRO A 74 -15.41 36.39 9.22
C PRO A 74 -15.78 35.56 7.99
N LYS A 75 -17.06 35.66 7.60
CA LYS A 75 -17.56 34.88 6.47
C LYS A 75 -16.78 35.14 5.19
N ASP A 76 -16.45 36.40 4.90
CA ASP A 76 -15.76 36.67 3.65
C ASP A 76 -14.37 36.01 3.63
N LYS A 77 -13.67 36.03 4.77
CA LYS A 77 -12.36 35.37 4.83
C LYS A 77 -12.48 33.85 4.78
N ALA A 78 -13.44 33.31 5.52
CA ALA A 78 -13.74 31.89 5.45
C ALA A 78 -13.98 31.41 4.02
N ASP A 79 -14.86 32.11 3.29
CA ASP A 79 -15.17 31.70 1.91
C ASP A 79 -13.91 31.64 1.05
N LEU A 80 -13.03 32.63 1.18
CA LEU A 80 -11.81 32.65 0.36
C LEU A 80 -10.88 31.50 0.74
N ILE A 81 -10.73 31.24 2.04
CA ILE A 81 -9.86 30.16 2.48
C ILE A 81 -10.41 28.82 2.03
N VAL A 82 -11.72 28.62 2.17
CA VAL A 82 -12.34 27.37 1.72
C VAL A 82 -12.10 27.15 0.24
N GLN A 83 -12.28 28.19 -0.57
CA GLN A 83 -12.07 28.04 -2.01
C GLN A 83 -10.63 27.62 -2.32
N ALA A 84 -9.65 28.30 -1.73
CA ALA A 84 -8.25 27.93 -1.97
C ALA A 84 -7.93 26.55 -1.38
N ALA A 85 -8.48 26.24 -0.21
CA ALA A 85 -8.17 24.94 0.40
C ALA A 85 -8.78 23.80 -0.41
N GLU A 86 -9.91 24.05 -1.06
CA GLU A 86 -10.50 23.04 -1.96
C GLU A 86 -9.57 22.78 -3.15
N GLU A 87 -8.98 23.83 -3.72
CA GLU A 87 -8.02 23.61 -4.79
C GLU A 87 -6.84 22.77 -4.29
N VAL A 88 -6.34 23.03 -3.08
CA VAL A 88 -5.26 22.22 -2.53
C VAL A 88 -5.69 20.77 -2.40
N SER A 89 -6.89 20.54 -1.86
N SER A 89 -6.90 20.56 -1.84
CA SER A 89 -7.32 19.16 -1.61
CA SER A 89 -7.43 19.22 -1.62
C SER A 89 -7.60 18.39 -2.90
C SER A 89 -7.51 18.43 -2.91
N LYS A 90 -7.90 19.10 -3.99
CA LYS A 90 -8.09 18.46 -5.29
C LYS A 90 -6.79 18.22 -6.04
N GLY A 91 -5.65 18.61 -5.49
CA GLY A 91 -4.38 18.42 -6.17
C GLY A 91 -4.06 19.47 -7.20
N LEU A 92 -4.84 20.54 -7.27
CA LEU A 92 -4.64 21.54 -8.30
C LEU A 92 -3.46 22.45 -8.03
N LEU A 93 -2.93 22.44 -6.80
CA LEU A 93 -1.85 23.34 -6.42
C LEU A 93 -0.61 22.57 -5.96
N ASP A 94 -0.45 21.31 -6.41
CA ASP A 94 0.64 20.49 -5.88
C ASP A 94 2.02 21.01 -6.27
N GLU A 95 2.13 21.79 -7.36
CA GLU A 95 3.44 22.32 -7.69
C GLU A 95 3.88 23.42 -6.74
N HIS A 96 3.02 23.81 -5.79
CA HIS A 96 3.35 24.86 -4.83
C HIS A 96 3.73 24.28 -3.48
N PHE A 97 4.07 23.00 -3.44
CA PHE A 97 4.45 22.33 -2.20
C PHE A 97 5.80 21.67 -2.44
N PRO A 98 6.88 22.43 -2.30
CA PRO A 98 8.21 21.97 -2.72
C PRO A 98 9.03 21.32 -1.61
N LEU A 99 8.55 21.33 -0.38
CA LEU A 99 9.38 20.92 0.75
C LEU A 99 9.60 19.41 0.73
N HIS A 100 10.78 19.02 1.22
CA HIS A 100 11.13 17.61 1.28
C HIS A 100 10.63 16.94 2.55
N VAL A 101 10.62 15.61 2.52
CA VAL A 101 10.30 14.82 3.70
C VAL A 101 11.24 15.16 4.85
N TRP A 102 12.52 15.39 4.53
CA TRP A 102 13.58 15.46 5.51
C TRP A 102 13.67 16.89 6.04
N GLN A 103 12.63 17.25 6.81
CA GLN A 103 12.39 18.61 7.32
C GLN A 103 12.24 18.57 8.84
N THR A 104 11.77 19.67 9.43
CA THR A 104 11.31 19.68 10.82
C THR A 104 10.60 18.37 11.17
N GLY A 105 11.00 17.74 12.26
CA GLY A 105 10.40 16.43 12.59
C GLY A 105 8.95 16.49 13.06
N SER A 106 8.44 17.68 13.41
CA SER A 106 7.01 17.81 13.68
C SER A 106 6.18 17.98 12.41
N GLY A 107 6.80 18.17 11.25
CA GLY A 107 6.05 18.53 10.05
C GLY A 107 5.51 19.95 10.05
N THR A 108 5.93 20.80 10.99
CA THR A 108 5.43 22.18 11.00
C THR A 108 5.74 22.93 9.70
N GLN A 109 6.88 22.63 9.06
CA GLN A 109 7.22 23.34 7.83
C GLN A 109 6.19 23.08 6.73
N SER A 110 5.71 21.83 6.60
CA SER A 110 4.66 21.58 5.60
C SER A 110 3.31 22.17 6.03
N ASN A 111 3.03 22.20 7.34
CA ASN A 111 1.84 22.94 7.78
C ASN A 111 1.91 24.40 7.32
N MET A 112 3.06 25.05 7.53
CA MET A 112 3.20 26.44 7.09
C MET A 112 3.18 26.57 5.57
N ASN A 113 3.65 25.56 4.84
CA ASN A 113 3.54 25.57 3.39
C ASN A 113 2.07 25.64 2.98
N ALA A 114 1.22 24.81 3.62
CA ALA A 114 -0.22 24.85 3.36
C ALA A 114 -0.80 26.22 3.72
N ASN A 115 -0.44 26.76 4.89
CA ASN A 115 -0.98 28.07 5.28
C ASN A 115 -0.60 29.15 4.27
N GLU A 116 0.66 29.14 3.82
CA GLU A 116 1.12 30.19 2.93
C GLU A 116 0.49 30.07 1.56
N VAL A 117 0.39 28.84 1.04
CA VAL A 117 -0.22 28.65 -0.28
C VAL A 117 -1.69 29.04 -0.25
N ILE A 118 -2.42 28.60 0.78
CA ILE A 118 -3.83 28.89 0.82
C ILE A 118 -4.05 30.39 1.05
N SER A 119 -3.21 31.01 1.87
CA SER A 119 -3.30 32.46 2.05
C SER A 119 -3.04 33.20 0.75
N ASN A 120 -1.96 32.88 0.03
CA ASN A 120 -1.64 33.66 -1.17
C ASN A 120 -2.63 33.40 -2.30
N ARG A 121 -3.11 32.17 -2.43
CA ARG A 121 -4.15 31.91 -3.43
C ARG A 121 -5.45 32.61 -3.06
N ALA A 122 -5.82 32.58 -1.77
CA ALA A 122 -6.99 33.34 -1.33
C ALA A 122 -6.84 34.84 -1.56
N ILE A 123 -5.64 35.39 -1.30
CA ILE A 123 -5.40 36.80 -1.59
C ILE A 123 -5.61 37.08 -3.06
N GLU A 124 -5.11 36.20 -3.92
CA GLU A 124 -5.29 36.39 -5.36
C GLU A 124 -6.76 36.35 -5.74
N LEU A 125 -7.52 35.41 -5.17
CA LEU A 125 -8.97 35.36 -5.41
C LEU A 125 -9.66 36.64 -4.97
N ALA A 126 -9.14 37.31 -3.95
CA ALA A 126 -9.71 38.57 -3.48
C ALA A 126 -9.18 39.78 -4.24
N GLY A 127 -8.23 39.59 -5.16
CA GLY A 127 -7.68 40.70 -5.90
C GLY A 127 -6.61 41.48 -5.19
N GLY A 128 -5.99 40.91 -4.15
CA GLY A 128 -4.98 41.62 -3.39
C GLY A 128 -3.57 41.31 -3.85
N THR A 129 -2.60 41.71 -3.02
CA THR A 129 -1.19 41.61 -3.35
C THR A 129 -0.60 40.38 -2.69
N LEU A 130 -0.13 39.43 -3.49
CA LEU A 130 0.48 38.25 -2.92
C LEU A 130 1.68 38.66 -2.07
N GLY A 131 1.86 37.97 -0.95
CA GLY A 131 2.92 38.29 -0.02
C GLY A 131 2.56 39.31 1.04
N SER A 132 1.43 40.01 0.89
CA SER A 132 1.05 41.04 1.84
C SER A 132 0.37 40.49 3.09
N LYS A 133 0.01 39.20 3.09
CA LYS A 133 -0.74 38.58 4.19
C LYS A 133 -2.09 39.25 4.43
N SER A 134 -2.65 39.93 3.42
CA SER A 134 -3.90 40.63 3.56
C SER A 134 -4.66 40.47 2.25
N PRO A 135 -5.96 40.09 2.27
CA PRO A 135 -6.81 40.01 3.47
C PRO A 135 -6.77 38.67 4.21
N ILE A 136 -5.93 37.74 3.78
CA ILE A 136 -5.85 36.41 4.39
C ILE A 136 -4.44 36.21 4.91
N HIS A 137 -4.31 36.10 6.23
CA HIS A 137 -3.02 35.94 6.90
C HIS A 137 -2.73 34.45 7.08
N PRO A 138 -1.54 33.96 6.68
CA PRO A 138 -1.30 32.51 6.78
C PRO A 138 -1.38 31.99 8.21
N ASN A 139 -0.85 32.74 9.18
CA ASN A 139 -0.93 32.28 10.55
C ASN A 139 -2.25 32.70 11.21
N ASP A 140 -2.62 33.98 11.11
CA ASP A 140 -3.75 34.48 11.90
C ASP A 140 -5.09 33.94 11.37
N HIS A 141 -5.19 33.63 10.09
CA HIS A 141 -6.43 33.12 9.55
C HIS A 141 -6.34 31.66 9.14
N VAL A 142 -5.36 31.30 8.30
CA VAL A 142 -5.38 29.95 7.80
C VAL A 142 -5.02 28.96 8.91
N ASN A 143 -4.17 29.38 9.85
CA ASN A 143 -3.78 28.53 10.97
C ASN A 143 -4.58 28.81 12.24
N MET A 144 -5.64 29.60 12.14
CA MET A 144 -6.44 29.98 13.30
C MET A 144 -6.91 28.74 14.08
N SER A 145 -6.77 28.79 15.40
CA SER A 145 -7.17 27.73 16.34
C SER A 145 -6.30 26.48 16.25
N GLN A 146 -5.26 26.47 15.41
CA GLN A 146 -4.39 25.31 15.21
C GLN A 146 -3.01 25.61 15.77
N SER A 147 -2.15 24.60 15.78
CA SER A 147 -0.80 24.79 16.28
CA SER A 147 -0.80 24.72 16.32
C SER A 147 0.21 24.21 15.31
N SER A 148 1.48 24.49 15.59
CA SER A 148 2.55 23.90 14.79
C SER A 148 2.63 22.39 14.93
N ASN A 149 2.06 21.81 15.99
CA ASN A 149 2.31 20.42 16.31
C ASN A 149 1.14 19.49 16.11
N ASP A 150 -0.09 20.01 16.06
CA ASP A 150 -1.24 19.11 15.97
C ASP A 150 -1.81 19.05 14.56
N THR A 151 -1.19 19.74 13.60
CA THR A 151 -1.67 19.81 12.23
C THR A 151 -1.08 18.73 11.34
N PHE A 152 0.26 18.61 11.26
CA PHE A 152 0.83 17.52 10.46
C PHE A 152 0.34 16.13 10.90
N PRO A 153 0.24 15.78 12.19
CA PRO A 153 -0.28 14.44 12.51
C PRO A 153 -1.70 14.25 12.06
N THR A 154 -2.48 15.33 12.00
CA THR A 154 -3.84 15.20 11.49
C THR A 154 -3.80 14.90 10.00
N ALA A 155 -2.96 15.63 9.25
CA ALA A 155 -2.77 15.34 7.82
C ALA A 155 -2.29 13.90 7.59
N MET A 156 -1.39 13.40 8.46
CA MET A 156 -0.92 12.02 8.31
C MET A 156 -2.08 11.06 8.35
N HIS A 157 -2.94 11.19 9.37
CA HIS A 157 -4.03 10.22 9.52
C HIS A 157 -5.07 10.36 8.43
N ILE A 158 -5.40 11.60 8.04
CA ILE A 158 -6.32 11.79 6.93
C ILE A 158 -5.76 11.11 5.67
N ALA A 159 -4.49 11.41 5.34
CA ALA A 159 -3.90 10.86 4.12
C ALA A 159 -3.89 9.34 4.16
N ALA A 160 -3.46 8.76 5.28
CA ALA A 160 -3.36 7.30 5.33
C ALA A 160 -4.73 6.65 5.28
N ALA A 161 -5.71 7.20 6.01
CA ALA A 161 -7.04 6.57 6.01
C ALA A 161 -7.68 6.68 4.63
N ILE A 162 -7.56 7.83 3.97
CA ILE A 162 -8.15 7.96 2.64
C ILE A 162 -7.48 7.00 1.66
N ALA A 163 -6.15 6.89 1.73
CA ALA A 163 -5.41 6.03 0.81
C ALA A 163 -5.73 4.56 1.03
N PHE A 164 -5.84 4.14 2.30
CA PHE A 164 -6.30 2.78 2.58
C PHE A 164 -7.64 2.51 1.93
N ASN A 165 -8.61 3.42 2.13
CA ASN A 165 -9.97 3.16 1.70
C ASN A 165 -10.13 3.23 0.19
N GLU A 166 -9.53 4.25 -0.46
CA GLU A 166 -9.78 4.54 -1.86
CA GLU A 166 -9.82 4.46 -1.86
C GLU A 166 -8.80 3.84 -2.80
N LYS A 167 -7.59 3.53 -2.32
CA LYS A 167 -6.59 2.97 -3.22
C LYS A 167 -6.14 1.56 -2.82
N LEU A 168 -5.60 1.37 -1.62
CA LEU A 168 -5.01 0.07 -1.29
C LEU A 168 -6.06 -1.03 -1.16
N LEU A 169 -7.07 -0.84 -0.30
CA LEU A 169 -8.02 -1.94 -0.11
C LEU A 169 -8.72 -2.34 -1.42
N PRO A 170 -9.18 -1.43 -2.26
CA PRO A 170 -9.76 -1.87 -3.55
C PRO A 170 -8.77 -2.64 -4.42
N ALA A 171 -7.50 -2.25 -4.43
CA ALA A 171 -6.51 -2.97 -5.24
C ALA A 171 -6.33 -4.40 -4.75
N VAL A 172 -6.30 -4.59 -3.44
CA VAL A 172 -6.13 -5.96 -2.93
C VAL A 172 -7.39 -6.79 -3.16
N ARG A 173 -8.58 -6.19 -2.90
CA ARG A 173 -9.83 -6.91 -3.17
C ARG A 173 -9.90 -7.33 -4.63
N ASN A 174 -9.50 -6.44 -5.54
CA ASN A 174 -9.66 -6.75 -6.95
C ASN A 174 -8.71 -7.87 -7.39
N LEU A 175 -7.49 -7.88 -6.85
CA LEU A 175 -6.57 -8.99 -7.14
C LEU A 175 -7.10 -10.28 -6.56
N ARG A 176 -7.64 -10.25 -5.34
CA ARG A 176 -8.28 -11.44 -4.77
C ARG A 176 -9.35 -11.98 -5.71
N HIS A 177 -10.17 -11.10 -6.29
CA HIS A 177 -11.22 -11.71 -7.08
CA HIS A 177 -11.27 -11.49 -7.18
C HIS A 177 -10.74 -12.24 -8.41
N VAL A 178 -9.60 -11.77 -8.95
CA VAL A 178 -9.05 -12.45 -10.11
C VAL A 178 -8.53 -13.83 -9.72
N PHE A 179 -7.82 -13.93 -8.59
CA PHE A 179 -7.36 -15.25 -8.18
C PHE A 179 -8.53 -16.18 -7.91
N ALA A 180 -9.64 -15.64 -7.37
CA ALA A 180 -10.81 -16.50 -7.12
C ALA A 180 -11.43 -16.97 -8.43
N ALA A 181 -11.43 -16.12 -9.45
CA ALA A 181 -11.99 -16.53 -10.72
C ALA A 181 -11.13 -17.60 -11.36
N LYS A 182 -9.79 -17.47 -11.24
CA LYS A 182 -8.90 -18.52 -11.70
C LYS A 182 -9.06 -19.80 -10.89
N MET A 183 -9.18 -19.66 -9.56
CA MET A 183 -9.50 -20.80 -8.71
C MET A 183 -10.70 -21.57 -9.25
N ASP A 184 -11.79 -20.86 -9.56
CA ASP A 184 -12.98 -21.56 -10.06
C ASP A 184 -12.71 -22.23 -11.40
N ALA A 185 -12.00 -21.53 -12.30
CA ALA A 185 -11.69 -22.11 -13.60
C ALA A 185 -10.82 -23.35 -13.49
N PHE A 186 -9.99 -23.43 -12.44
CA PHE A 186 -9.01 -24.50 -12.31
C PHE A 186 -9.45 -25.57 -11.32
N LYS A 187 -10.72 -25.56 -10.89
CA LYS A 187 -11.13 -26.41 -9.78
C LYS A 187 -11.06 -27.91 -10.09
N ASN A 188 -11.08 -28.30 -11.36
CA ASN A 188 -11.03 -29.71 -11.71
C ASN A 188 -9.69 -30.15 -12.29
N ILE A 189 -8.68 -29.29 -12.29
CA ILE A 189 -7.36 -29.63 -12.79
C ILE A 189 -6.56 -30.22 -11.64
N ILE A 190 -6.22 -31.50 -11.70
CA ILE A 190 -5.46 -32.14 -10.62
C ILE A 190 -3.97 -32.06 -10.94
N LYS A 191 -3.17 -31.60 -9.97
CA LYS A 191 -1.73 -31.44 -10.15
C LYS A 191 -0.99 -32.08 -8.98
N ILE A 192 0.31 -32.27 -9.15
CA ILE A 192 1.15 -32.82 -8.09
C ILE A 192 1.41 -31.74 -7.03
N GLY A 193 1.33 -32.13 -5.75
CA GLY A 193 1.74 -31.24 -4.69
C GLY A 193 3.24 -31.13 -4.62
N ARG A 194 3.73 -30.07 -3.95
CA ARG A 194 5.16 -29.95 -3.69
C ARG A 194 5.37 -29.44 -2.27
N THR A 195 6.08 -30.23 -1.46
CA THR A 195 6.38 -29.84 -0.08
C THR A 195 7.88 -29.94 0.10
N HIS A 196 8.50 -28.94 0.73
CA HIS A 196 9.96 -28.88 0.84
C HIS A 196 10.62 -28.79 -0.53
N LEU A 197 9.84 -28.44 -1.58
CA LEU A 197 10.19 -28.42 -3.00
C LEU A 197 10.14 -29.83 -3.62
N GLN A 198 9.80 -30.86 -2.85
CA GLN A 198 9.77 -32.21 -3.37
C GLN A 198 8.36 -32.62 -3.79
N ASP A 199 8.31 -33.57 -4.73
CA ASP A 199 7.03 -34.11 -5.15
C ASP A 199 6.23 -34.61 -3.95
N ALA A 200 4.92 -34.35 -3.99
CA ALA A 200 4.04 -34.68 -2.89
C ALA A 200 2.69 -35.10 -3.46
N VAL A 201 1.79 -35.56 -2.58
CA VAL A 201 0.47 -36.03 -2.99
C VAL A 201 -0.31 -34.91 -3.68
N PRO A 202 -1.33 -35.24 -4.47
CA PRO A 202 -1.92 -34.24 -5.37
C PRO A 202 -2.89 -33.29 -4.67
N LEU A 203 -3.18 -32.20 -5.38
CA LEU A 203 -4.27 -31.29 -5.03
C LEU A 203 -4.71 -30.66 -6.34
N THR A 204 -5.88 -30.04 -6.33
CA THR A 204 -6.25 -29.37 -7.57
C THR A 204 -5.57 -28.01 -7.67
N LEU A 205 -5.41 -27.54 -8.91
CA LEU A 205 -4.88 -26.19 -9.10
C LEU A 205 -5.79 -25.16 -8.45
N GLY A 206 -7.11 -25.43 -8.46
CA GLY A 206 -8.06 -24.59 -7.75
C GLY A 206 -7.79 -24.56 -6.25
N GLN A 207 -7.51 -25.73 -5.66
CA GLN A 207 -7.18 -25.74 -4.23
C GLN A 207 -5.94 -24.90 -3.94
N GLU A 208 -4.91 -25.03 -4.77
CA GLU A 208 -3.70 -24.25 -4.55
C GLU A 208 -3.98 -22.75 -4.69
N PHE A 209 -4.73 -22.37 -5.72
CA PHE A 209 -5.11 -20.95 -5.85
C PHE A 209 -6.01 -20.50 -4.69
N SER A 210 -6.78 -21.42 -4.11
CA SER A 210 -7.62 -21.05 -2.98
C SER A 210 -6.79 -20.59 -1.79
N GLY A 211 -5.58 -21.13 -1.66
CA GLY A 211 -4.68 -20.66 -0.62
C GLY A 211 -4.34 -19.19 -0.81
N TYR A 212 -4.06 -18.78 -2.05
CA TYR A 212 -3.75 -17.38 -2.33
C TYR A 212 -4.95 -16.50 -2.03
N VAL A 213 -6.14 -16.96 -2.43
CA VAL A 213 -7.38 -16.24 -2.15
C VAL A 213 -7.55 -16.04 -0.65
N ALA A 214 -7.35 -17.11 0.13
CA ALA A 214 -7.47 -17.00 1.58
C ALA A 214 -6.41 -16.05 2.16
N GLN A 215 -5.18 -16.11 1.66
CA GLN A 215 -4.16 -15.17 2.12
C GLN A 215 -4.58 -13.73 1.86
N LEU A 216 -5.14 -13.47 0.68
CA LEU A 216 -5.50 -12.08 0.38
C LEU A 216 -6.71 -11.64 1.19
N ASP A 217 -7.68 -12.54 1.41
CA ASP A 217 -8.82 -12.23 2.27
C ASP A 217 -8.34 -11.82 3.66
N ALA A 218 -7.39 -12.59 4.22
CA ALA A 218 -6.94 -12.27 5.57
C ALA A 218 -6.22 -10.94 5.58
N CYS A 219 -5.45 -10.66 4.53
CA CYS A 219 -4.77 -9.38 4.48
C CYS A 219 -5.75 -8.21 4.40
N VAL A 220 -6.82 -8.37 3.60
CA VAL A 220 -7.84 -7.32 3.53
C VAL A 220 -8.38 -7.04 4.92
N HIS A 221 -8.70 -8.09 5.66
CA HIS A 221 -9.22 -7.91 7.00
C HIS A 221 -8.22 -7.19 7.91
N ARG A 222 -6.93 -7.57 7.85
CA ARG A 222 -5.93 -6.90 8.70
C ARG A 222 -5.82 -5.43 8.34
N LEU A 223 -5.89 -5.11 7.04
CA LEU A 223 -5.80 -3.71 6.67
C LEU A 223 -7.03 -2.94 7.14
N GLU A 224 -8.22 -3.53 7.04
CA GLU A 224 -9.42 -2.86 7.53
C GLU A 224 -9.34 -2.57 9.02
N GLU A 225 -8.72 -3.48 9.78
CA GLU A 225 -8.73 -3.35 11.23
C GLU A 225 -7.88 -2.17 11.70
N VAL A 226 -7.02 -1.65 10.84
CA VAL A 226 -6.20 -0.47 11.14
CA VAL A 226 -6.26 -0.50 11.32
C VAL A 226 -7.06 0.79 11.18
N LEU A 227 -8.12 0.82 10.36
CA LEU A 227 -8.77 2.09 10.08
C LEU A 227 -9.31 2.81 11.31
N PRO A 228 -9.95 2.16 12.29
CA PRO A 228 -10.46 2.95 13.44
C PRO A 228 -9.39 3.77 14.15
N GLU A 229 -8.15 3.27 14.20
CA GLU A 229 -7.07 4.05 14.82
C GLU A 229 -6.75 5.29 14.01
N LEU A 230 -6.79 5.16 12.68
CA LEU A 230 -6.43 6.28 11.82
C LEU A 230 -7.54 7.34 11.79
N TYR A 231 -8.78 6.95 12.05
CA TYR A 231 -9.85 7.95 12.02
C TYR A 231 -9.75 8.93 13.18
N GLU A 232 -9.00 8.60 14.24
CA GLU A 232 -8.84 9.50 15.38
C GLU A 232 -7.81 10.57 15.04
N LEU A 233 -8.16 11.83 15.24
CA LEU A 233 -7.33 12.93 14.77
C LEU A 233 -6.76 13.76 15.91
N ALA A 234 -5.51 14.23 15.70
CA ALA A 234 -4.81 15.00 16.72
C ALA A 234 -5.28 16.44 16.79
N ALA A 235 -5.94 16.96 15.76
CA ALA A 235 -6.29 18.37 15.72
C ALA A 235 -7.03 18.78 16.97
N GLY A 236 -6.58 19.85 17.61
CA GLY A 236 -7.14 20.30 18.87
C GLY A 236 -6.23 20.04 20.06
N GLY A 237 -5.21 19.20 19.89
CA GLY A 237 -4.26 19.03 20.99
C GLY A 237 -3.35 20.22 21.20
N THR A 238 -3.26 21.11 20.21
CA THR A 238 -2.35 22.25 20.13
C THR A 238 -0.92 21.84 20.48
N ALA A 239 -0.18 22.64 21.25
CA ALA A 239 1.28 22.47 21.28
C ALA A 239 1.72 21.18 21.98
N VAL A 240 1.10 20.82 23.11
CA VAL A 240 1.56 19.70 23.91
C VAL A 240 0.47 18.68 24.21
N GLY A 241 -0.77 18.91 23.75
CA GLY A 241 -1.87 17.99 23.95
C GLY A 241 -3.00 18.54 24.80
N THR A 242 -2.77 19.64 25.50
CA THR A 242 -3.75 20.19 26.43
C THR A 242 -4.87 20.97 25.74
N GLY A 243 -4.68 21.42 24.50
CA GLY A 243 -5.68 22.28 23.90
C GLY A 243 -5.57 23.73 24.30
N LEU A 244 -4.51 24.09 25.04
CA LEU A 244 -4.27 25.49 25.35
C LEU A 244 -4.25 26.29 24.05
N ASN A 245 -4.95 27.43 24.07
CA ASN A 245 -4.96 28.37 22.95
C ASN A 245 -5.71 27.81 21.72
N THR A 246 -6.69 26.94 21.94
CA THR A 246 -7.74 26.70 20.94
C THR A 246 -9.10 26.81 21.61
N HIS A 247 -10.14 26.84 20.79
CA HIS A 247 -11.50 26.92 21.31
C HIS A 247 -11.90 25.57 21.92
N PRO A 248 -12.63 25.57 23.05
CA PRO A 248 -13.01 24.29 23.68
C PRO A 248 -13.78 23.34 22.76
N GLN A 249 -14.45 23.85 21.72
CA GLN A 249 -15.21 23.06 20.77
CA GLN A 249 -15.17 22.96 20.82
C GLN A 249 -14.46 22.76 19.49
N PHE A 250 -13.27 23.34 19.30
CA PHE A 250 -12.60 23.22 18.00
C PHE A 250 -12.26 21.77 17.66
N ALA A 251 -11.67 21.03 18.60
CA ALA A 251 -11.22 19.67 18.31
C ALA A 251 -12.37 18.82 17.77
N VAL A 252 -13.51 18.85 18.46
CA VAL A 252 -14.62 18.02 18.04
C VAL A 252 -15.24 18.56 16.74
N LYS A 253 -15.42 19.88 16.64
CA LYS A 253 -16.07 20.40 15.45
C LYS A 253 -15.21 20.25 14.20
N VAL A 254 -13.89 20.43 14.32
CA VAL A 254 -13.08 20.30 13.12
C VAL A 254 -13.10 18.86 12.63
N ALA A 255 -13.11 17.88 13.55
CA ALA A 255 -13.20 16.50 13.12
C ALA A 255 -14.56 16.22 12.48
N GLU A 256 -15.63 16.82 13.04
CA GLU A 256 -16.96 16.68 12.42
CA GLU A 256 -16.94 16.66 12.40
C GLU A 256 -16.93 17.18 10.98
N HIS A 257 -16.29 18.34 10.75
CA HIS A 257 -16.22 18.87 9.40
C HIS A 257 -15.36 17.99 8.50
N ILE A 258 -14.25 17.46 9.03
CA ILE A 258 -13.42 16.57 8.22
C ILE A 258 -14.18 15.31 7.85
N ALA A 259 -14.97 14.76 8.80
CA ALA A 259 -15.78 13.61 8.49
C ALA A 259 -16.80 13.93 7.39
N LYS A 260 -17.42 15.10 7.45
CA LYS A 260 -18.40 15.46 6.43
C LYS A 260 -17.73 15.63 5.08
N ILE A 261 -16.55 16.27 5.04
CA ILE A 261 -15.87 16.50 3.77
C ILE A 261 -15.49 15.19 3.11
N THR A 262 -14.96 14.25 3.90
CA THR A 262 -14.40 13.01 3.36
C THR A 262 -15.41 11.88 3.27
N LYS A 263 -16.57 12.00 3.93
CA LYS A 263 -17.51 10.90 4.09
C LYS A 263 -16.86 9.66 4.72
N LEU A 264 -15.89 9.89 5.58
CA LEU A 264 -15.30 8.85 6.42
C LEU A 264 -15.46 9.25 7.87
N PRO A 265 -15.50 8.29 8.80
CA PRO A 265 -15.87 8.61 10.19
C PRO A 265 -14.69 9.10 11.02
N PHE A 266 -14.08 10.20 10.58
CA PHE A 266 -13.09 10.85 11.40
C PHE A 266 -13.70 11.42 12.68
N VAL A 267 -12.96 11.27 13.76
CA VAL A 267 -13.35 11.72 15.10
C VAL A 267 -12.12 12.32 15.77
N THR A 268 -12.36 13.12 16.82
CA THR A 268 -11.22 13.65 17.54
C THR A 268 -10.61 12.53 18.38
N ALA A 269 -9.27 12.58 18.53
CA ALA A 269 -8.60 11.52 19.27
C ALA A 269 -8.96 11.63 20.75
N PRO A 270 -9.40 10.54 21.38
CA PRO A 270 -9.68 10.62 22.83
C PRO A 270 -8.49 10.99 23.72
N ASN A 271 -7.25 10.68 23.33
CA ASN A 271 -6.09 11.09 24.10
C ASN A 271 -5.11 11.85 23.20
N LYS A 272 -5.08 13.18 23.37
CA LYS A 272 -4.25 14.03 22.52
C LYS A 272 -2.78 13.88 22.85
N PHE A 273 -2.45 13.44 24.06
CA PHE A 273 -1.05 13.28 24.43
C PHE A 273 -0.44 12.12 23.68
N ALA A 274 -1.11 10.96 23.69
CA ALA A 274 -0.63 9.88 22.83
C ALA A 274 -0.67 10.27 21.36
N ALA A 275 -1.64 11.10 20.95
CA ALA A 275 -1.76 11.41 19.53
C ALA A 275 -0.60 12.27 19.04
N LEU A 276 -0.01 13.07 19.92
CA LEU A 276 1.13 13.90 19.55
C LEU A 276 2.46 13.23 19.85
N ALA A 277 2.51 12.43 20.91
CA ALA A 277 3.78 11.90 21.40
C ALA A 277 4.15 10.57 20.78
N SER A 278 3.25 9.97 19.99
CA SER A 278 3.49 8.63 19.48
C SER A 278 2.65 8.40 18.24
N HIS A 279 2.99 7.36 17.47
CA HIS A 279 2.32 7.09 16.20
C HIS A 279 2.16 5.59 15.98
N GLU A 280 1.80 4.86 17.04
CA GLU A 280 1.56 3.43 16.82
C GLU A 280 0.43 3.14 15.84
N PRO A 281 -0.61 3.99 15.65
CA PRO A 281 -1.58 3.68 14.58
C PRO A 281 -0.91 3.53 13.23
N LEU A 282 0.12 4.33 12.95
CA LEU A 282 0.83 4.25 11.67
C LEU A 282 1.82 3.09 11.65
N VAL A 283 2.43 2.73 12.78
CA VAL A 283 3.17 1.47 12.86
C VAL A 283 2.26 0.30 12.54
N HIS A 284 1.05 0.31 13.10
CA HIS A 284 0.09 -0.75 12.83
CA HIS A 284 0.07 -0.73 12.84
C HIS A 284 -0.33 -0.75 11.36
N ALA A 285 -0.63 0.42 10.81
CA ALA A 285 -0.95 0.48 9.39
C ALA A 285 0.16 -0.13 8.55
N HIS A 286 1.41 0.21 8.87
CA HIS A 286 2.50 -0.34 8.09
C HIS A 286 2.67 -1.83 8.34
N GLY A 287 2.47 -2.29 9.58
CA GLY A 287 2.58 -3.71 9.86
C GLY A 287 1.58 -4.54 9.07
N ALA A 288 0.36 -4.04 8.92
CA ALA A 288 -0.64 -4.77 8.12
C ALA A 288 -0.21 -4.81 6.66
N MET A 289 0.35 -3.72 6.15
CA MET A 289 0.94 -3.74 4.80
C MET A 289 2.10 -4.72 4.71
N LYS A 290 2.91 -4.84 5.76
CA LYS A 290 3.98 -5.82 5.77
C LYS A 290 3.44 -7.24 5.65
N THR A 291 2.33 -7.55 6.32
CA THR A 291 1.74 -8.88 6.16
CA THR A 291 1.76 -8.87 6.18
C THR A 291 1.31 -9.12 4.73
N LEU A 292 0.80 -8.08 4.06
CA LEU A 292 0.45 -8.21 2.65
C LEU A 292 1.70 -8.46 1.79
N ALA A 293 2.80 -7.74 2.05
CA ALA A 293 4.03 -7.98 1.31
C ALA A 293 4.52 -9.41 1.50
N CYS A 294 4.35 -9.97 2.71
CA CYS A 294 4.80 -11.34 2.95
C CYS A 294 3.97 -12.35 2.16
N ALA A 295 2.65 -12.10 2.07
CA ALA A 295 1.77 -12.95 1.27
C ALA A 295 2.07 -12.80 -0.21
N LEU A 296 2.20 -11.56 -0.69
CA LEU A 296 2.42 -11.32 -2.12
C LEU A 296 3.77 -11.87 -2.57
N MET A 297 4.79 -11.81 -1.72
CA MET A 297 6.08 -12.38 -2.12
C MET A 297 5.90 -13.85 -2.45
N LYS A 298 5.17 -14.56 -1.59
CA LYS A 298 4.98 -16.00 -1.78
C LYS A 298 4.12 -16.27 -3.01
N ILE A 299 3.01 -15.53 -3.15
CA ILE A 299 2.13 -15.76 -4.30
C ILE A 299 2.86 -15.50 -5.60
N ALA A 300 3.55 -14.36 -5.69
CA ALA A 300 4.29 -14.04 -6.89
C ALA A 300 5.38 -15.08 -7.18
N ASN A 301 6.04 -15.55 -6.13
CA ASN A 301 7.06 -16.57 -6.35
C ASN A 301 6.45 -17.88 -6.83
N ASP A 302 5.30 -18.31 -6.27
CA ASP A 302 4.67 -19.52 -6.80
C ASP A 302 4.36 -19.35 -8.28
N ILE A 303 3.82 -18.19 -8.66
CA ILE A 303 3.44 -18.03 -10.07
C ILE A 303 4.68 -18.11 -10.96
N ARG A 304 5.77 -17.42 -10.59
CA ARG A 304 6.90 -17.46 -11.51
C ARG A 304 7.58 -18.82 -11.49
N TRP A 305 7.67 -19.49 -10.32
CA TRP A 305 8.23 -20.84 -10.35
C TRP A 305 7.35 -21.80 -11.15
N LEU A 306 6.03 -21.74 -10.98
CA LEU A 306 5.19 -22.70 -11.71
C LEU A 306 5.25 -22.44 -13.22
N ALA A 307 5.50 -21.20 -13.63
CA ALA A 307 5.57 -20.88 -15.05
C ALA A 307 6.99 -20.96 -15.62
N SER A 308 7.98 -21.37 -14.81
CA SER A 308 9.36 -21.35 -15.25
C SER A 308 9.60 -22.35 -16.37
N GLY A 309 10.38 -21.94 -17.36
CA GLY A 309 10.68 -22.84 -18.46
C GLY A 309 11.25 -22.11 -19.65
N PRO A 310 10.79 -22.43 -20.85
CA PRO A 310 9.62 -23.28 -21.11
C PRO A 310 9.83 -24.80 -20.97
N ARG A 311 11.08 -25.26 -20.81
CA ARG A 311 11.37 -26.69 -20.89
C ARG A 311 12.20 -27.25 -19.75
N CYS A 312 12.97 -26.43 -19.04
CA CYS A 312 13.90 -26.96 -18.04
C CYS A 312 13.58 -26.46 -16.64
N GLY A 313 12.37 -25.94 -16.43
CA GLY A 313 11.94 -25.55 -15.11
C GLY A 313 10.76 -26.40 -14.67
N ILE A 314 9.74 -25.78 -14.07
CA ILE A 314 8.54 -26.51 -13.65
CA ILE A 314 8.54 -26.51 -13.65
C ILE A 314 7.54 -26.54 -14.80
N GLY A 315 7.07 -25.37 -15.22
CA GLY A 315 6.29 -25.32 -16.44
C GLY A 315 4.84 -25.74 -16.36
N GLU A 316 4.25 -25.77 -15.16
CA GLU A 316 2.83 -26.08 -15.03
C GLU A 316 1.92 -24.94 -15.43
N LEU A 317 2.41 -23.70 -15.40
CA LEU A 317 1.62 -22.54 -15.81
C LEU A 317 2.28 -21.82 -16.98
N ILE A 318 1.45 -21.03 -17.66
CA ILE A 318 1.86 -20.15 -18.76
C ILE A 318 1.39 -18.74 -18.39
N ILE A 319 2.30 -17.78 -18.43
CA ILE A 319 1.93 -16.39 -18.15
C ILE A 319 2.02 -15.56 -19.42
N PRO A 320 1.30 -14.43 -19.50
CA PRO A 320 1.38 -13.56 -20.68
C PRO A 320 2.73 -12.88 -20.81
N GLU A 321 3.17 -12.70 -22.05
CA GLU A 321 4.38 -11.95 -22.37
CA GLU A 321 4.38 -11.94 -22.33
C GLU A 321 3.99 -10.53 -22.73
N ASN A 322 4.62 -9.54 -22.10
CA ASN A 322 4.29 -8.15 -22.35
C ASN A 322 5.46 -7.32 -22.86
N GLU A 323 6.68 -7.68 -22.54
CA GLU A 323 7.76 -7.04 -23.26
C GLU A 323 8.06 -7.80 -24.54
N PRO A 324 8.53 -7.07 -25.54
CA PRO A 324 8.89 -7.70 -26.81
C PRO A 324 9.79 -8.90 -26.61
N GLY A 325 9.45 -9.99 -27.30
CA GLY A 325 10.27 -11.16 -27.35
C GLY A 325 11.04 -11.23 -28.65
N SER A 326 11.56 -12.43 -28.93
CA SER A 326 12.36 -12.69 -30.11
CA SER A 326 12.35 -12.68 -30.12
C SER A 326 11.80 -13.93 -30.80
N SER A 327 11.59 -13.85 -32.11
CA SER A 327 11.04 -14.99 -32.83
C SER A 327 11.95 -16.21 -32.73
N ILE A 328 13.24 -16.00 -32.43
CA ILE A 328 14.14 -17.13 -32.24
C ILE A 328 14.10 -17.67 -30.80
N MET A 329 13.32 -17.08 -29.90
CA MET A 329 13.12 -17.61 -28.55
C MET A 329 11.64 -17.84 -28.24
N PRO A 330 10.98 -18.71 -29.00
CA PRO A 330 9.57 -19.00 -28.72
C PRO A 330 9.38 -19.70 -27.39
N GLY A 331 8.24 -19.43 -26.76
CA GLY A 331 7.90 -20.05 -25.50
C GLY A 331 8.49 -19.40 -24.27
N LYS A 332 9.54 -18.60 -24.43
CA LYS A 332 10.23 -17.96 -23.31
C LYS A 332 9.48 -16.70 -22.87
N VAL A 333 9.12 -16.65 -21.58
CA VAL A 333 8.45 -15.49 -21.00
C VAL A 333 9.12 -15.18 -19.67
N ASN A 334 9.81 -14.04 -19.60
CA ASN A 334 10.32 -13.65 -18.28
C ASN A 334 9.19 -13.10 -17.43
N PRO A 335 9.13 -13.47 -16.15
CA PRO A 335 7.99 -13.07 -15.28
C PRO A 335 8.22 -11.70 -14.65
N THR A 336 8.17 -10.67 -15.50
CA THR A 336 8.62 -9.38 -15.05
C THR A 336 7.65 -8.73 -14.06
N GLN A 337 6.34 -9.03 -14.14
CA GLN A 337 5.45 -8.53 -13.10
C GLN A 337 5.74 -9.16 -11.75
N CYS A 338 6.10 -10.45 -11.74
CA CYS A 338 6.53 -11.09 -10.49
C CYS A 338 7.78 -10.45 -9.94
N GLU A 339 8.71 -10.06 -10.83
CA GLU A 339 9.95 -9.43 -10.38
C GLU A 339 9.70 -8.08 -9.76
N ALA A 340 8.88 -7.25 -10.42
CA ALA A 340 8.57 -5.95 -9.83
C ALA A 340 7.87 -6.11 -8.49
N MET A 341 6.94 -7.06 -8.40
CA MET A 341 6.20 -7.25 -7.16
C MET A 341 7.12 -7.72 -6.03
N THR A 342 7.97 -8.71 -6.30
CA THR A 342 8.85 -9.21 -5.23
C THR A 342 9.85 -8.14 -4.83
N MET A 343 10.29 -7.30 -5.77
CA MET A 343 11.15 -6.18 -5.34
C MET A 343 10.39 -5.21 -4.45
N VAL A 344 9.13 -4.91 -4.81
CA VAL A 344 8.29 -4.08 -3.94
C VAL A 344 8.18 -4.69 -2.55
N CYS A 345 7.97 -6.01 -2.49
CA CYS A 345 7.81 -6.65 -1.18
C CYS A 345 9.07 -6.51 -0.34
N ALA A 346 10.26 -6.67 -0.94
CA ALA A 346 11.49 -6.43 -0.18
C ALA A 346 11.54 -5.00 0.34
N GLN A 347 11.13 -4.03 -0.50
CA GLN A 347 11.13 -2.63 -0.06
C GLN A 347 10.19 -2.44 1.13
N VAL A 348 9.02 -3.07 1.09
CA VAL A 348 8.03 -2.87 2.17
C VAL A 348 8.57 -3.43 3.47
N LEU A 349 9.26 -4.57 3.43
CA LEU A 349 9.82 -5.10 4.67
C LEU A 349 10.89 -4.17 5.23
N GLY A 350 11.69 -3.52 4.38
CA GLY A 350 12.64 -2.53 4.88
C GLY A 350 11.94 -1.29 5.41
N ASN A 351 10.93 -0.80 4.67
CA ASN A 351 10.18 0.36 5.14
C ASN A 351 9.53 0.10 6.49
N ASP A 352 9.11 -1.15 6.75
CA ASP A 352 8.49 -1.47 8.02
C ASP A 352 9.49 -1.33 9.15
N THR A 353 10.74 -1.75 8.91
CA THR A 353 11.79 -1.54 9.89
C THR A 353 11.97 -0.06 10.18
N ALA A 354 12.04 0.77 9.13
CA ALA A 354 12.22 2.21 9.35
C ALA A 354 11.09 2.81 10.17
N VAL A 355 9.83 2.45 9.85
CA VAL A 355 8.68 3.03 10.55
C VAL A 355 8.73 2.68 12.04
N GLY A 356 8.99 1.41 12.38
CA GLY A 356 9.05 1.06 13.80
C GLY A 356 10.18 1.78 14.52
N ILE A 357 11.34 1.91 13.87
CA ILE A 357 12.44 2.62 14.52
C ILE A 357 12.04 4.06 14.79
N ALA A 358 11.52 4.75 13.77
CA ALA A 358 11.13 6.16 13.95
C ALA A 358 10.07 6.31 15.03
N ASP A 359 9.07 5.41 15.06
CA ASP A 359 8.04 5.55 16.08
C ASP A 359 8.60 5.35 17.48
N SER A 360 9.59 4.48 17.64
CA SER A 360 10.13 4.17 18.96
C SER A 360 10.87 5.35 19.56
N GLN A 361 11.18 6.36 18.76
CA GLN A 361 12.08 7.45 19.15
C GLN A 361 11.35 8.72 19.63
N GLY A 362 10.07 8.63 20.03
CA GLY A 362 9.41 9.79 20.62
C GLY A 362 10.05 10.22 21.94
N ASN A 363 9.94 11.52 22.25
CA ASN A 363 10.39 12.05 23.55
CA ASN A 363 10.38 12.03 23.56
C ASN A 363 9.33 12.98 24.11
N PHE A 364 8.89 12.71 25.34
CA PHE A 364 8.04 13.65 26.10
C PHE A 364 6.78 13.95 25.28
N GLU A 365 6.45 15.21 25.04
CA GLU A 365 5.13 15.53 24.50
C GLU A 365 5.02 15.40 22.98
N LEU A 366 6.09 15.11 22.25
CA LEU A 366 6.01 15.14 20.80
C LEU A 366 6.98 14.14 20.18
N ASN A 367 6.47 13.24 19.33
CA ASN A 367 7.34 12.44 18.47
C ASN A 367 7.75 13.31 17.28
N VAL A 368 9.05 13.52 17.07
CA VAL A 368 9.48 14.40 15.98
C VAL A 368 10.19 13.58 14.91
N PHE A 369 9.57 12.45 14.55
CA PHE A 369 9.90 11.66 13.37
C PHE A 369 8.70 11.57 12.44
N LYS A 370 7.80 12.57 12.46
CA LYS A 370 6.51 12.41 11.76
C LYS A 370 6.68 12.29 10.25
N PRO A 371 7.46 13.13 9.56
CA PRO A 371 7.56 12.97 8.09
C PRO A 371 8.05 11.62 7.65
N VAL A 372 9.08 11.05 8.29
CA VAL A 372 9.59 9.78 7.78
C VAL A 372 8.56 8.67 8.00
N ILE A 373 7.76 8.77 9.06
CA ILE A 373 6.74 7.74 9.29
C ILE A 373 5.71 7.76 8.17
N ILE A 374 5.12 8.93 7.86
CA ILE A 374 4.09 8.94 6.83
C ILE A 374 4.67 8.70 5.45
N PHE A 375 5.90 9.15 5.21
CA PHE A 375 6.56 8.89 3.93
C PHE A 375 6.63 7.40 3.63
N ASN A 376 7.07 6.60 4.61
CA ASN A 376 7.15 5.15 4.40
C ASN A 376 5.77 4.52 4.29
N VAL A 377 4.80 4.96 5.10
CA VAL A 377 3.45 4.40 4.99
C VAL A 377 2.91 4.61 3.58
N LEU A 378 2.99 5.84 3.07
CA LEU A 378 2.43 6.09 1.74
C LEU A 378 3.29 5.48 0.63
N HIS A 379 4.61 5.43 0.80
CA HIS A 379 5.45 4.75 -0.20
C HIS A 379 5.09 3.28 -0.31
N SER A 380 5.09 2.57 0.82
CA SER A 380 4.69 1.17 0.78
C SER A 380 3.28 1.00 0.22
N LEU A 381 2.35 1.87 0.62
CA LEU A 381 0.97 1.73 0.18
C LEU A 381 0.88 1.86 -1.34
N ASN A 382 1.50 2.90 -1.91
CA ASN A 382 1.39 3.08 -3.35
C ASN A 382 2.13 1.98 -4.11
N LEU A 383 3.29 1.54 -3.61
CA LEU A 383 3.99 0.43 -4.29
C LEU A 383 3.12 -0.81 -4.29
N LEU A 384 2.54 -1.16 -3.12
CA LEU A 384 1.71 -2.35 -3.04
C LEU A 384 0.48 -2.24 -3.91
N ALA A 385 -0.22 -1.11 -3.84
CA ALA A 385 -1.45 -0.98 -4.62
C ALA A 385 -1.15 -0.98 -6.12
N ASP A 386 -0.13 -0.22 -6.53
CA ASP A 386 0.21 -0.15 -7.94
C ASP A 386 0.68 -1.51 -8.45
N SER A 387 1.50 -2.22 -7.66
CA SER A 387 1.98 -3.52 -8.13
C SER A 387 0.86 -4.53 -8.16
N CYS A 388 -0.06 -4.50 -7.19
CA CYS A 388 -1.24 -5.37 -7.28
C CYS A 388 -1.99 -5.13 -8.57
N HIS A 389 -2.19 -3.85 -8.92
CA HIS A 389 -2.97 -3.54 -10.10
C HIS A 389 -2.25 -3.98 -11.37
N SER A 390 -0.94 -3.74 -11.44
CA SER A 390 -0.14 -4.08 -12.61
CA SER A 390 -0.26 -4.10 -12.67
C SER A 390 -0.01 -5.59 -12.76
N PHE A 391 0.30 -6.26 -11.64
CA PHE A 391 0.39 -7.72 -11.64
C PHE A 391 -0.96 -8.33 -12.03
N GLN A 392 -2.06 -7.77 -11.54
CA GLN A 392 -3.39 -8.27 -11.93
C GLN A 392 -3.59 -8.14 -13.44
N GLU A 393 -3.36 -6.95 -13.99
CA GLU A 393 -3.71 -6.68 -15.38
C GLU A 393 -2.80 -7.44 -16.34
N PHE A 394 -1.50 -7.52 -16.03
CA PHE A 394 -0.52 -7.99 -16.99
C PHE A 394 0.04 -9.36 -16.64
N CYS A 395 -0.44 -9.98 -15.57
CA CYS A 395 -0.01 -11.35 -15.28
C CYS A 395 -1.19 -12.20 -14.82
N ALA A 396 -1.78 -11.87 -13.67
CA ALA A 396 -2.77 -12.78 -13.06
C ALA A 396 -3.96 -13.04 -13.98
N GLU A 397 -4.51 -12.00 -14.60
CA GLU A 397 -5.69 -12.21 -15.44
C GLU A 397 -5.41 -13.16 -16.59
N GLY A 398 -4.16 -13.31 -16.99
CA GLY A 398 -3.80 -14.12 -18.15
C GLY A 398 -3.18 -15.45 -17.81
N ILE A 399 -3.17 -15.85 -16.53
CA ILE A 399 -2.55 -17.12 -16.15
C ILE A 399 -3.35 -18.25 -16.78
N GLU A 400 -2.64 -19.18 -17.42
CA GLU A 400 -3.29 -20.36 -17.96
C GLU A 400 -2.54 -21.61 -17.55
N PRO A 401 -3.22 -22.75 -17.45
CA PRO A 401 -2.51 -23.99 -17.16
C PRO A 401 -1.86 -24.56 -18.40
N ASN A 402 -0.69 -25.16 -18.21
CA ASN A 402 -0.09 -26.01 -19.24
C ASN A 402 -0.53 -27.43 -18.91
N GLN A 403 -1.69 -27.81 -19.45
CA GLN A 403 -2.29 -29.07 -19.03
C GLN A 403 -1.43 -30.29 -19.37
N PRO A 404 -0.77 -30.37 -20.53
CA PRO A 404 0.10 -31.54 -20.77
C PRO A 404 1.22 -31.68 -19.76
N VAL A 405 1.80 -30.56 -19.31
CA VAL A 405 2.87 -30.66 -18.31
C VAL A 405 2.30 -31.04 -16.95
N ILE A 406 1.20 -30.40 -16.55
CA ILE A 406 0.54 -30.75 -15.29
C ILE A 406 0.25 -32.25 -15.26
N ASP A 407 -0.34 -32.77 -16.34
CA ASP A 407 -0.71 -34.18 -16.40
C ASP A 407 0.51 -35.09 -16.40
N TYR A 408 1.57 -34.69 -17.09
CA TYR A 408 2.79 -35.49 -17.10
C TYR A 408 3.30 -35.71 -15.68
N TYR A 409 3.46 -34.62 -14.93
CA TYR A 409 3.92 -34.75 -13.55
C TYR A 409 2.99 -35.62 -12.73
N LEU A 410 1.68 -35.41 -12.85
CA LEU A 410 0.72 -36.15 -12.05
C LEU A 410 0.89 -37.66 -12.22
N HIS A 411 1.03 -38.11 -13.45
CA HIS A 411 1.08 -39.54 -13.72
C HIS A 411 2.49 -40.10 -13.80
N HIS A 412 3.50 -39.27 -13.70
CA HIS A 412 4.92 -39.63 -13.69
CA HIS A 412 4.84 -39.80 -13.65
C HIS A 412 5.50 -39.64 -12.28
N SER A 413 4.88 -38.92 -11.35
CA SER A 413 5.35 -38.91 -9.97
C SER A 413 5.26 -40.30 -9.34
N LEU A 414 6.16 -40.55 -8.40
CA LEU A 414 6.06 -41.77 -7.61
C LEU A 414 5.07 -41.64 -6.45
N MET A 415 4.53 -40.44 -6.21
CA MET A 415 3.81 -40.21 -4.97
C MET A 415 2.42 -40.81 -4.96
N LEU A 416 1.86 -41.18 -6.10
CA LEU A 416 0.54 -41.78 -6.10
C LEU A 416 0.54 -43.24 -5.65
N VAL A 417 1.71 -43.81 -5.34
CA VAL A 417 1.77 -45.25 -5.13
C VAL A 417 0.99 -45.68 -3.90
N THR A 418 0.81 -44.81 -2.91
CA THR A 418 0.11 -45.27 -1.71
C THR A 418 -1.35 -45.60 -1.97
N ALA A 419 -1.89 -45.24 -3.14
CA ALA A 419 -3.23 -45.70 -3.50
C ALA A 419 -3.29 -47.21 -3.68
N LEU A 420 -2.14 -47.87 -3.81
CA LEU A 420 -2.10 -49.32 -4.03
C LEU A 420 -2.10 -50.13 -2.74
N ASN A 421 -1.71 -49.52 -1.62
CA ASN A 421 -1.48 -50.28 -0.38
C ASN A 421 -2.68 -51.14 -0.02
N GLN A 422 -3.88 -50.56 -0.05
CA GLN A 422 -5.04 -51.29 0.43
C GLN A 422 -5.42 -52.47 -0.48
N HIS A 423 -4.93 -52.49 -1.72
CA HIS A 423 -5.22 -53.55 -2.68
C HIS A 423 -4.15 -54.64 -2.71
N ILE A 424 -2.87 -54.25 -2.71
CA ILE A 424 -1.79 -55.22 -2.84
C ILE A 424 -0.88 -55.26 -1.62
N GLY A 425 -1.06 -54.37 -0.66
CA GLY A 425 -0.22 -54.35 0.53
C GLY A 425 0.95 -53.39 0.39
N TYR A 426 1.50 -53.03 1.55
CA TYR A 426 2.61 -52.06 1.57
C TYR A 426 3.82 -52.61 0.82
N ASP A 427 4.16 -53.88 1.05
CA ASP A 427 5.37 -54.45 0.46
C ASP A 427 5.33 -54.39 -1.05
N LYS A 428 4.23 -54.86 -1.66
CA LYS A 428 4.15 -54.87 -3.11
C LYS A 428 4.09 -53.45 -3.66
N ALA A 429 3.41 -52.54 -2.95
CA ALA A 429 3.39 -51.15 -3.40
C ALA A 429 4.78 -50.54 -3.37
N ALA A 430 5.53 -50.79 -2.29
CA ALA A 430 6.89 -50.28 -2.21
C ALA A 430 7.79 -50.89 -3.30
N LYS A 431 7.55 -52.15 -3.64
CA LYS A 431 8.34 -52.78 -4.71
C LYS A 431 8.06 -52.10 -6.04
N ILE A 432 6.80 -51.77 -6.29
CA ILE A 432 6.45 -51.06 -7.52
C ILE A 432 7.15 -49.71 -7.57
N ALA A 433 7.13 -48.95 -6.47
CA ALA A 433 7.77 -47.64 -6.45
C ALA A 433 9.28 -47.76 -6.64
N LYS A 434 9.90 -48.74 -5.98
CA LYS A 434 11.35 -48.88 -6.08
C LYS A 434 11.76 -49.26 -7.50
N THR A 435 10.99 -50.13 -8.15
CA THR A 435 11.28 -50.51 -9.53
C THR A 435 11.07 -49.35 -10.49
N ALA A 436 9.98 -48.61 -10.30
CA ALA A 436 9.76 -47.42 -11.13
C ALA A 436 10.93 -46.46 -11.00
N HIS A 437 11.38 -46.20 -9.77
CA HIS A 437 12.49 -45.28 -9.56
C HIS A 437 13.78 -45.83 -10.17
N HIS A 438 14.06 -47.11 -9.95
CA HIS A 438 15.32 -47.67 -10.44
C HIS A 438 15.34 -47.72 -11.96
N ASP A 439 14.22 -48.08 -12.58
CA ASP A 439 14.18 -48.30 -14.02
C ASP A 439 13.78 -47.05 -14.80
N ASN A 440 13.53 -45.93 -14.12
CA ASN A 440 13.11 -44.68 -14.75
C ASN A 440 11.84 -44.88 -15.59
N ILE A 441 10.85 -45.55 -15.02
CA ILE A 441 9.57 -45.79 -15.66
C ILE A 441 8.46 -45.35 -14.71
N SER A 442 7.22 -45.38 -15.21
CA SER A 442 6.10 -44.93 -14.39
C SER A 442 5.70 -46.03 -13.39
N LEU A 443 4.91 -45.62 -12.38
CA LEU A 443 4.35 -46.61 -11.44
C LEU A 443 3.54 -47.66 -12.18
N GLN A 444 2.71 -47.25 -13.13
CA GLN A 444 1.91 -48.23 -13.87
C GLN A 444 2.80 -49.18 -14.67
N GLU A 445 3.85 -48.65 -15.30
CA GLU A 445 4.73 -49.53 -16.07
C GLU A 445 5.48 -50.50 -15.16
N ALA A 446 5.88 -50.05 -13.97
CA ALA A 446 6.56 -50.96 -13.05
C ALA A 446 5.61 -52.04 -12.53
N ALA A 447 4.37 -51.66 -12.20
CA ALA A 447 3.40 -52.65 -11.74
C ALA A 447 3.17 -53.73 -12.78
N VAL A 448 3.06 -53.33 -14.05
CA VAL A 448 2.88 -54.30 -15.13
C VAL A 448 4.14 -55.14 -15.31
N LYS A 449 5.30 -54.47 -15.32
CA LYS A 449 6.56 -55.16 -15.54
C LYS A 449 6.80 -56.26 -14.52
N LEU A 450 6.42 -56.01 -13.27
CA LEU A 450 6.57 -56.98 -12.19
C LEU A 450 5.46 -58.02 -12.17
N GLY A 451 4.48 -57.91 -13.06
CA GLY A 451 3.35 -58.82 -13.07
C GLY A 451 2.44 -58.70 -11.89
N ILE A 452 2.51 -57.57 -11.15
CA ILE A 452 1.69 -57.44 -9.95
C ILE A 452 0.29 -56.96 -10.31
N LEU A 453 0.18 -56.03 -11.27
CA LEU A 453 -1.10 -55.49 -11.70
C LEU A 453 -1.12 -55.43 -13.23
N THR A 454 -2.31 -55.60 -13.79
CA THR A 454 -2.53 -55.19 -15.17
C THR A 454 -2.71 -53.68 -15.22
N ALA A 455 -2.68 -53.15 -16.45
CA ALA A 455 -2.87 -51.71 -16.60
C ALA A 455 -4.28 -51.30 -16.18
N GLU A 456 -5.28 -52.15 -16.47
CA GLU A 456 -6.66 -51.85 -16.08
C GLU A 456 -6.82 -51.88 -14.57
N GLN A 457 -6.15 -52.83 -13.90
CA GLN A 457 -6.18 -52.84 -12.45
C GLN A 457 -5.54 -51.58 -11.88
N PHE A 458 -4.40 -51.16 -12.45
CA PHE A 458 -3.76 -49.94 -11.97
C PHE A 458 -4.69 -48.74 -12.10
N ALA A 459 -5.35 -48.61 -13.25
CA ALA A 459 -6.22 -47.45 -13.47
C ALA A 459 -7.42 -47.46 -12.55
N GLU A 460 -7.92 -48.65 -12.21
CA GLU A 460 -9.02 -48.75 -11.26
C GLU A 460 -8.58 -48.35 -9.86
N PHE A 461 -7.36 -48.74 -9.47
CA PHE A 461 -6.92 -48.52 -8.09
C PHE A 461 -6.34 -47.13 -7.86
N VAL A 462 -5.81 -46.47 -8.89
CA VAL A 462 -5.11 -45.19 -8.75
C VAL A 462 -5.92 -44.15 -9.50
N LYS A 463 -6.76 -43.42 -8.77
CA LYS A 463 -7.63 -42.40 -9.36
C LYS A 463 -7.31 -41.08 -8.67
N PRO A 464 -6.52 -40.20 -9.30
CA PRO A 464 -6.15 -38.94 -8.64
C PRO A 464 -7.35 -38.14 -8.16
N GLU A 465 -8.49 -38.23 -8.85
CA GLU A 465 -9.68 -37.52 -8.41
C GLU A 465 -10.22 -38.05 -7.08
N LYS A 466 -9.79 -39.22 -6.66
CA LYS A 466 -10.13 -39.75 -5.35
C LYS A 466 -9.02 -39.53 -4.33
N MET A 467 -8.05 -38.65 -4.64
CA MET A 467 -6.89 -38.48 -3.77
C MET A 467 -6.72 -37.04 -3.32
N ILE A 468 -7.81 -36.26 -3.34
CA ILE A 468 -7.70 -34.84 -3.07
C ILE A 468 -8.65 -34.43 -1.94
N SER A 469 -9.04 -35.38 -1.12
CA SER A 469 -9.93 -35.10 0.00
C SER A 469 -9.85 -36.28 0.96
N PRO A 470 -10.42 -36.15 2.16
CA PRO A 470 -10.48 -37.29 3.09
C PRO A 470 -11.36 -38.40 2.54
N GLU A 471 -11.23 -39.58 3.17
CA GLU A 471 -12.03 -40.76 2.86
C GLU A 471 -13.52 -40.45 2.73
#